data_8S1N
#
_entry.id   8S1N
#
_cell.length_a   41.489
_cell.length_b   90.340
_cell.length_c   107.405
_cell.angle_alpha   90.000
_cell.angle_beta   90.000
_cell.angle_gamma   90.000
#
_symmetry.space_group_name_H-M   'C 2 2 21'
#
loop_
_entity.id
_entity.type
_entity.pdbx_description
1 polymer 'Ras-related C3 botulinum toxin substrate 1'
2 non-polymer 'MAGNESIUM ION'
3 non-polymer "GUANOSINE-5'-DIPHOSPHATE"
4 water water
#
_entity_poly.entity_id   1
_entity_poly.type   'polypeptide(L)'
_entity_poly.pdbx_seq_one_letter_code
;MQAIKCVVVGDGAVGKTCLLISYTTNAFPGEYIPTVFDNYSANVMVDGKPVNLGLWDTAGQEDYDRLRPLSYPQTDVFLI
CFSLVSPASFENVRAKWYPEVRHHCPNTPIILVGTKLDLRDDKDTIEKLKEKKLTPITYPQGLAMAKEIGAVKYLECSAL
TQRGLKTVFDEAIRAVL
;
_entity_poly.pdbx_strand_id   A
#
loop_
_chem_comp.id
_chem_comp.type
_chem_comp.name
_chem_comp.formula
GDP RNA linking GUANOSINE-5'-DIPHOSPHATE 'C10 H15 N5 O11 P2'
MG non-polymer 'MAGNESIUM ION' 'Mg 2'
#
# COMPACT_ATOMS: atom_id res chain seq x y z
N GLN A 2 -21.60 -9.22 -4.07
CA GLN A 2 -20.49 -9.92 -3.43
C GLN A 2 -19.59 -8.97 -2.62
N ALA A 3 -18.90 -9.50 -1.62
CA ALA A 3 -18.07 -8.71 -0.70
C ALA A 3 -16.64 -9.25 -0.68
N ILE A 4 -15.65 -8.33 -0.81
CA ILE A 4 -14.24 -8.67 -0.84
C ILE A 4 -13.53 -7.93 0.29
N LYS A 5 -12.65 -8.63 0.99
CA LYS A 5 -11.88 -8.06 2.09
C LYS A 5 -10.44 -7.85 1.60
N CYS A 6 -9.97 -6.63 1.71
CA CYS A 6 -8.64 -6.25 1.24
C CYS A 6 -7.94 -5.57 2.41
N VAL A 7 -6.80 -6.09 2.83
CA VAL A 7 -6.02 -5.48 3.91
C VAL A 7 -4.83 -4.75 3.33
N VAL A 8 -4.55 -3.56 3.86
CA VAL A 8 -3.49 -2.67 3.41
C VAL A 8 -2.43 -2.61 4.49
N VAL A 9 -1.17 -2.92 4.14
CA VAL A 9 -0.08 -3.01 5.10
C VAL A 9 1.12 -2.25 4.56
N GLY A 10 2.09 -2.02 5.44
CA GLY A 10 3.29 -1.26 5.08
C GLY A 10 3.70 -0.32 6.19
N ASP A 11 4.91 0.25 6.10
CA ASP A 11 5.47 1.06 7.19
C ASP A 11 4.56 2.23 7.53
N GLY A 12 4.65 2.71 8.76
CA GLY A 12 4.05 3.99 9.09
C GLY A 12 4.50 5.07 8.10
N ALA A 13 3.58 5.96 7.73
CA ALA A 13 3.86 7.13 6.90
C ALA A 13 4.10 6.81 5.43
N VAL A 14 3.83 5.60 4.96
CA VAL A 14 3.96 5.37 3.52
C VAL A 14 2.76 5.92 2.75
N GLY A 15 1.71 6.36 3.45
CA GLY A 15 0.53 6.88 2.80
C GLY A 15 -0.64 5.91 2.74
N LYS A 16 -0.66 4.89 3.60
CA LYS A 16 -1.76 3.94 3.62
C LYS A 16 -3.13 4.62 3.84
N THR A 17 -3.27 5.42 4.90
CA THR A 17 -4.56 6.03 5.17
C THR A 17 -4.97 7.03 4.08
N CYS A 18 -4.05 7.87 3.62
CA CYS A 18 -4.37 8.78 2.52
C CYS A 18 -4.80 8.04 1.24
N LEU A 19 -4.17 6.89 0.98
CA LEU A 19 -4.56 6.09 -0.18
C LEU A 19 -6.03 5.67 -0.08
N LEU A 20 -6.46 5.21 1.10
CA LEU A 20 -7.83 4.74 1.25
C LEU A 20 -8.83 5.89 1.22
N ILE A 21 -8.54 6.98 1.93
CA ILE A 21 -9.49 8.09 1.93
C ILE A 21 -9.57 8.76 0.56
N SER A 22 -8.42 9.01 -0.07
CA SER A 22 -8.45 9.57 -1.41
C SER A 22 -9.21 8.67 -2.38
N TYR A 23 -9.03 7.36 -2.27
CA TYR A 23 -9.75 6.47 -3.18
C TYR A 23 -11.26 6.53 -2.95
N THR A 24 -11.69 6.41 -1.69
CA THR A 24 -13.12 6.32 -1.42
C THR A 24 -13.80 7.68 -1.35
N THR A 25 -13.03 8.75 -1.16
CA THR A 25 -13.55 10.10 -1.02
C THR A 25 -13.41 10.94 -2.27
N ASN A 26 -12.44 10.57 -3.09
CA ASN A 26 -12.03 11.31 -4.27
C ASN A 26 -11.40 12.63 -3.85
N ALA A 27 -10.80 12.66 -2.69
CA ALA A 27 -10.20 13.85 -2.12
C ALA A 27 -9.05 13.45 -1.20
N PHE A 28 -7.88 14.03 -1.44
CA PHE A 28 -6.75 13.94 -0.54
C PHE A 28 -7.09 14.59 0.81
N PRO A 29 -7.06 13.86 1.93
CA PRO A 29 -7.45 14.47 3.21
C PRO A 29 -6.54 15.61 3.65
N GLY A 30 -5.44 15.87 2.94
CA GLY A 30 -4.70 17.11 3.18
C GLY A 30 -3.99 17.06 4.52
N GLU A 31 -4.20 18.10 5.32
CA GLU A 31 -3.40 18.26 6.53
C GLU A 31 -4.02 17.62 7.75
N TYR A 32 -5.31 17.30 7.75
CA TYR A 32 -5.87 16.52 8.86
C TYR A 32 -6.25 15.12 8.37
N ILE A 33 -5.31 14.19 8.54
CA ILE A 33 -5.54 12.77 8.30
C ILE A 33 -6.18 12.19 9.57
N PRO A 34 -7.35 11.56 9.47
CA PRO A 34 -7.97 10.94 10.65
C PRO A 34 -7.00 9.98 11.32
N THR A 35 -7.00 9.98 12.64
CA THR A 35 -6.05 9.14 13.38
C THR A 35 -6.62 7.81 13.85
N VAL A 36 -7.94 7.62 13.83
CA VAL A 36 -8.53 6.34 14.24
C VAL A 36 -8.30 5.31 13.14
N PHE A 37 -7.54 4.25 13.47
CA PHE A 37 -7.38 3.18 12.49
C PHE A 37 -8.72 2.53 12.18
N ASP A 38 -9.16 2.61 10.91
CA ASP A 38 -10.51 2.21 10.53
C ASP A 38 -10.52 1.33 9.27
N ASN A 39 -11.72 0.88 8.93
CA ASN A 39 -11.98 0.11 7.74
C ASN A 39 -12.97 0.91 6.92
N TYR A 40 -12.85 0.82 5.60
CA TYR A 40 -13.58 1.67 4.69
C TYR A 40 -14.24 0.76 3.68
N SER A 41 -15.02 1.33 2.77
CA SER A 41 -15.77 0.49 1.85
C SER A 41 -16.01 1.24 0.54
N ALA A 42 -15.97 0.52 -0.58
CA ALA A 42 -16.39 1.10 -1.85
C ALA A 42 -17.17 0.05 -2.63
N ASN A 43 -18.26 0.49 -3.26
CA ASN A 43 -19.06 -0.37 -4.13
C ASN A 43 -18.60 -0.08 -5.55
N VAL A 44 -18.14 -1.11 -6.25
CA VAL A 44 -17.69 -0.97 -7.63
C VAL A 44 -18.21 -2.15 -8.42
N MET A 45 -18.39 -1.96 -9.72
CA MET A 45 -18.90 -3.02 -10.61
C MET A 45 -17.82 -3.54 -11.55
N PRO A 50 -21.20 -5.73 -9.76
CA PRO A 50 -21.31 -4.89 -8.57
C PRO A 50 -20.66 -5.56 -7.35
N VAL A 51 -19.57 -5.01 -6.83
CA VAL A 51 -18.79 -5.62 -5.76
C VAL A 51 -18.60 -4.61 -4.64
N ASN A 52 -18.58 -5.11 -3.41
CA ASN A 52 -18.24 -4.28 -2.25
C ASN A 52 -16.82 -4.59 -1.84
N LEU A 53 -15.95 -3.62 -1.94
CA LEU A 53 -14.56 -3.79 -1.55
C LEU A 53 -14.43 -3.23 -0.15
N GLY A 54 -14.23 -4.12 0.83
CA GLY A 54 -13.91 -3.71 2.18
C GLY A 54 -12.42 -3.50 2.35
N LEU A 55 -12.03 -2.31 2.82
CA LEU A 55 -10.65 -1.85 2.82
C LEU A 55 -10.17 -1.64 4.26
N TRP A 56 -9.27 -2.49 4.72
CA TRP A 56 -8.89 -2.51 6.12
C TRP A 56 -7.56 -1.78 6.27
N ASP A 57 -7.57 -0.70 7.02
CA ASP A 57 -6.35 0.03 7.31
C ASP A 57 -5.67 -0.63 8.52
N THR A 58 -4.36 -0.46 8.63
CA THR A 58 -3.60 -1.09 9.70
C THR A 58 -2.67 -0.07 10.31
N ALA A 59 -2.22 -0.39 11.53
CA ALA A 59 -1.15 0.35 12.19
C ALA A 59 0.18 -0.33 11.88
N GLY A 60 1.01 0.32 11.07
CA GLY A 60 2.21 -0.29 10.55
C GLY A 60 3.42 -0.16 11.45
N GLN A 61 3.29 0.63 12.50
CA GLN A 61 4.39 0.83 13.44
C GLN A 61 4.69 -0.45 14.22
N GLU A 62 5.97 -0.61 14.57
CA GLU A 62 6.44 -1.77 15.32
C GLU A 62 5.60 -2.03 16.57
N ASP A 63 5.25 -0.98 17.31
CA ASP A 63 4.45 -1.11 18.52
C ASP A 63 3.22 -2.01 18.33
N TYR A 64 2.68 -2.06 17.12
CA TYR A 64 1.48 -2.86 16.83
C TYR A 64 1.79 -4.20 16.19
N ASP A 65 3.06 -4.65 16.23
CA ASP A 65 3.44 -5.90 15.57
C ASP A 65 2.61 -7.10 16.07
N ARG A 66 2.27 -7.14 17.36
CA ARG A 66 1.55 -8.32 17.84
C ARG A 66 0.05 -8.23 17.62
N LEU A 67 -0.52 -7.04 17.57
CA LEU A 67 -1.96 -6.91 17.41
C LEU A 67 -2.40 -6.88 15.95
N ARG A 68 -1.58 -6.30 15.07
CA ARG A 68 -1.96 -6.09 13.68
C ARG A 68 -2.47 -7.34 12.99
N PRO A 69 -1.83 -8.51 13.12
CA PRO A 69 -2.30 -9.69 12.36
C PRO A 69 -3.72 -10.15 12.73
N LEU A 70 -4.32 -9.61 13.80
CA LEU A 70 -5.70 -9.95 14.15
C LEU A 70 -6.70 -9.50 13.09
N SER A 71 -6.34 -8.60 12.19
CA SER A 71 -7.25 -8.24 11.12
C SER A 71 -7.02 -9.04 9.83
N TYR A 72 -6.10 -10.02 9.86
CA TYR A 72 -5.71 -10.77 8.68
C TYR A 72 -6.63 -11.94 8.32
N PRO A 73 -7.26 -12.61 9.28
CA PRO A 73 -8.09 -13.78 8.93
C PRO A 73 -9.16 -13.43 7.92
N GLN A 74 -9.33 -14.30 6.93
CA GLN A 74 -10.31 -14.20 5.85
C GLN A 74 -10.05 -13.02 4.92
N THR A 75 -8.81 -12.54 4.86
CA THR A 75 -8.45 -11.53 3.86
C THR A 75 -8.45 -12.17 2.49
N ASP A 76 -9.03 -11.47 1.50
CA ASP A 76 -9.02 -11.96 0.13
C ASP A 76 -7.80 -11.50 -0.66
N VAL A 77 -7.23 -10.35 -0.31
CA VAL A 77 -6.10 -9.80 -1.03
C VAL A 77 -5.44 -8.75 -0.13
N PHE A 78 -4.11 -8.67 -0.20
CA PHE A 78 -3.34 -7.70 0.57
C PHE A 78 -2.77 -6.65 -0.37
N LEU A 79 -2.76 -5.41 0.07
CA LEU A 79 -1.92 -4.40 -0.56
C LEU A 79 -0.70 -4.22 0.32
N ILE A 80 0.49 -4.51 -0.21
CA ILE A 80 1.74 -4.17 0.47
C ILE A 80 2.23 -2.86 -0.12
N CYS A 81 2.20 -1.81 0.70
CA CYS A 81 2.53 -0.45 0.30
C CYS A 81 3.93 -0.07 0.77
N PHE A 82 4.65 0.65 -0.07
CA PHE A 82 5.89 1.33 0.30
C PHE A 82 5.91 2.68 -0.38
N SER A 83 6.63 3.64 0.21
CA SER A 83 6.72 4.95 -0.41
C SER A 83 7.83 4.97 -1.44
N LEU A 84 7.49 5.39 -2.67
CA LEU A 84 8.49 5.45 -3.73
C LEU A 84 9.64 6.38 -3.37
N VAL A 85 9.46 7.25 -2.39
CA VAL A 85 10.53 8.16 -1.99
C VAL A 85 11.06 7.81 -0.61
N SER A 86 10.90 6.55 -0.19
CA SER A 86 11.51 6.05 1.03
C SER A 86 12.08 4.66 0.76
N PRO A 87 13.35 4.58 0.37
CA PRO A 87 13.97 3.26 0.22
C PRO A 87 13.92 2.38 1.46
N ALA A 88 13.84 2.98 2.66
CA ALA A 88 13.69 2.14 3.86
C ALA A 88 12.33 1.45 3.87
N SER A 89 11.25 2.16 3.52
CA SER A 89 9.95 1.47 3.45
C SER A 89 9.97 0.38 2.39
N PHE A 90 10.77 0.56 1.35
CA PHE A 90 10.84 -0.41 0.25
C PHE A 90 11.63 -1.65 0.66
N GLU A 91 12.77 -1.46 1.31
CA GLU A 91 13.49 -2.59 1.88
C GLU A 91 12.61 -3.38 2.84
N ASN A 92 11.70 -2.70 3.54
CA ASN A 92 10.89 -3.41 4.52
C ASN A 92 9.83 -4.31 3.87
N VAL A 93 9.49 -4.08 2.60
CA VAL A 93 8.64 -5.03 1.87
C VAL A 93 9.18 -6.44 2.05
N ARG A 94 10.47 -6.62 1.80
CA ARG A 94 11.03 -7.96 1.88
C ARG A 94 11.59 -8.30 3.25
N ALA A 95 12.00 -7.29 4.04
CA ALA A 95 12.45 -7.55 5.40
C ALA A 95 11.31 -7.86 6.36
N LYS A 96 10.13 -7.26 6.16
CA LYS A 96 9.08 -7.33 7.17
C LYS A 96 7.73 -7.76 6.61
N TRP A 97 7.22 -7.03 5.61
CA TRP A 97 5.81 -7.14 5.21
C TRP A 97 5.52 -8.45 4.48
N TYR A 98 6.31 -8.79 3.47
CA TYR A 98 6.09 -10.08 2.83
C TYR A 98 6.22 -11.25 3.79
N PRO A 99 7.27 -11.37 4.59
CA PRO A 99 7.31 -12.47 5.55
C PRO A 99 6.13 -12.45 6.53
N GLU A 100 5.67 -11.28 6.98
CA GLU A 100 4.58 -11.26 7.95
C GLU A 100 3.27 -11.69 7.30
N VAL A 101 2.99 -11.22 6.10
CA VAL A 101 1.76 -11.58 5.42
C VAL A 101 1.74 -13.08 5.10
N ARG A 102 2.86 -13.61 4.59
CA ARG A 102 2.92 -15.03 4.22
C ARG A 102 2.94 -15.94 5.44
N HIS A 103 3.42 -15.45 6.59
CA HIS A 103 3.34 -16.25 7.81
C HIS A 103 1.89 -16.50 8.23
N HIS A 104 1.04 -15.48 8.15
CA HIS A 104 -0.36 -15.64 8.54
C HIS A 104 -1.26 -16.06 7.40
N CYS A 105 -0.94 -15.71 6.16
CA CYS A 105 -1.83 -15.97 5.02
C CYS A 105 -1.00 -16.51 3.87
N PRO A 106 -0.66 -17.79 3.92
CA PRO A 106 0.34 -18.31 2.97
C PRO A 106 -0.11 -18.33 1.52
N ASN A 107 -1.40 -18.26 1.24
CA ASN A 107 -1.82 -18.33 -0.16
C ASN A 107 -2.61 -17.11 -0.61
N THR A 108 -2.74 -16.08 0.21
CA THR A 108 -3.53 -14.93 -0.20
C THR A 108 -2.76 -14.07 -1.20
N PRO A 109 -3.37 -13.66 -2.30
CA PRO A 109 -2.66 -12.84 -3.27
C PRO A 109 -2.22 -11.49 -2.70
N ILE A 110 -1.04 -11.07 -3.13
CA ILE A 110 -0.43 -9.80 -2.76
C ILE A 110 -0.35 -8.91 -3.98
N ILE A 111 -0.63 -7.63 -3.76
CA ILE A 111 -0.39 -6.59 -4.76
C ILE A 111 0.63 -5.63 -4.16
N LEU A 112 1.71 -5.37 -4.88
CA LEU A 112 2.72 -4.45 -4.40
C LEU A 112 2.39 -3.05 -4.89
N VAL A 113 2.26 -2.09 -3.98
CA VAL A 113 1.86 -0.73 -4.32
C VAL A 113 2.97 0.25 -3.91
N GLY A 114 3.50 0.98 -4.89
CA GLY A 114 4.36 2.13 -4.60
C GLY A 114 3.56 3.42 -4.52
N THR A 115 3.75 4.15 -3.43
CA THR A 115 2.92 5.30 -3.13
C THR A 115 3.70 6.60 -3.32
N LYS A 116 2.97 7.72 -3.24
CA LYS A 116 3.54 9.07 -3.35
C LYS A 116 4.34 9.25 -4.64
N LEU A 117 3.87 8.62 -5.71
CA LEU A 117 4.46 8.77 -7.05
C LEU A 117 4.75 10.22 -7.41
N ASP A 118 3.94 11.15 -6.95
CA ASP A 118 4.13 12.55 -7.36
C ASP A 118 5.40 13.15 -6.78
N LEU A 119 5.98 12.50 -5.77
CA LEU A 119 7.21 13.03 -5.19
C LEU A 119 8.46 12.44 -5.84
N ARG A 120 8.33 11.43 -6.70
CA ARG A 120 9.50 10.84 -7.34
C ARG A 120 10.35 11.86 -8.05
N ASP A 121 9.74 12.75 -8.83
CA ASP A 121 10.45 13.78 -9.57
C ASP A 121 10.45 15.13 -8.84
N ASP A 122 10.36 15.11 -7.51
CA ASP A 122 10.37 16.33 -6.72
C ASP A 122 11.80 16.73 -6.35
N LYS A 123 12.22 17.92 -6.79
CA LYS A 123 13.59 18.36 -6.55
C LYS A 123 13.95 18.28 -5.09
N ASP A 124 13.06 18.76 -4.21
CA ASP A 124 13.40 18.87 -2.81
C ASP A 124 13.50 17.50 -2.16
N THR A 125 12.60 16.57 -2.54
CA THR A 125 12.70 15.19 -2.06
C THR A 125 13.95 14.50 -2.58
N ILE A 126 14.25 14.68 -3.87
CA ILE A 126 15.42 14.04 -4.47
C ILE A 126 16.68 14.50 -3.76
N GLU A 127 16.76 15.79 -3.45
CA GLU A 127 17.98 16.33 -2.88
C GLU A 127 18.18 15.84 -1.44
N LYS A 128 17.08 15.75 -0.68
CA LYS A 128 17.19 15.29 0.69
C LYS A 128 17.59 13.81 0.73
N LEU A 129 17.10 13.01 -0.22
CA LEU A 129 17.51 11.62 -0.28
C LEU A 129 18.97 11.48 -0.71
N LYS A 130 19.44 12.37 -1.60
CA LYS A 130 20.83 12.33 -2.04
C LYS A 130 21.78 12.48 -0.86
N GLU A 131 21.43 13.30 0.13
CA GLU A 131 22.39 13.50 1.20
C GLU A 131 22.52 12.29 2.11
N LYS A 132 21.61 11.34 2.00
CA LYS A 132 21.84 10.03 2.60
C LYS A 132 22.27 9.04 1.53
N LYS A 133 22.61 9.53 0.34
CA LYS A 133 23.16 8.74 -0.76
C LYS A 133 22.13 7.79 -1.35
N LEU A 134 20.86 8.15 -1.25
CA LEU A 134 19.74 7.35 -1.68
C LEU A 134 19.06 8.00 -2.89
N THR A 135 18.23 7.22 -3.59
CA THR A 135 17.46 7.71 -4.72
C THR A 135 16.08 7.08 -4.67
N PRO A 136 15.06 7.77 -5.20
CA PRO A 136 13.72 7.19 -5.20
C PRO A 136 13.70 5.86 -5.94
N ILE A 137 12.75 5.00 -5.54
CA ILE A 137 12.56 3.72 -6.21
C ILE A 137 12.01 3.94 -7.62
N THR A 138 12.68 3.34 -8.60
CA THR A 138 12.26 3.43 -9.99
C THR A 138 11.26 2.32 -10.29
N TYR A 139 10.53 2.50 -11.39
CA TYR A 139 9.57 1.46 -11.79
C TYR A 139 10.22 0.10 -11.98
N PRO A 140 11.36 -0.04 -12.68
CA PRO A 140 11.96 -1.38 -12.81
C PRO A 140 12.34 -2.00 -11.48
N GLN A 141 12.77 -1.17 -10.51
CA GLN A 141 13.09 -1.67 -9.18
C GLN A 141 11.86 -2.22 -8.47
N GLY A 142 10.74 -1.51 -8.58
CA GLY A 142 9.52 -1.98 -7.95
C GLY A 142 9.02 -3.25 -8.58
N LEU A 143 8.99 -3.27 -9.91
CA LEU A 143 8.55 -4.48 -10.60
C LEU A 143 9.43 -5.67 -10.23
N ALA A 144 10.74 -5.44 -10.07
CA ALA A 144 11.64 -6.50 -9.64
C ALA A 144 11.27 -7.00 -8.25
N MET A 145 10.99 -6.09 -7.32
CA MET A 145 10.57 -6.50 -5.99
C MET A 145 9.26 -7.26 -6.07
N ALA A 146 8.33 -6.81 -6.92
CA ALA A 146 7.04 -7.47 -7.00
C ALA A 146 7.19 -8.93 -7.44
N LYS A 147 8.12 -9.21 -8.36
CA LYS A 147 8.25 -10.60 -8.77
C LYS A 147 9.15 -11.37 -7.82
N GLU A 148 10.08 -10.72 -7.14
CA GLU A 148 10.76 -11.37 -6.02
C GLU A 148 9.74 -11.99 -5.04
N ILE A 149 8.70 -11.24 -4.66
CA ILE A 149 7.83 -11.67 -3.58
C ILE A 149 6.59 -12.33 -4.16
N GLY A 150 6.62 -12.56 -5.47
CA GLY A 150 5.51 -13.23 -6.11
C GLY A 150 4.21 -12.47 -6.00
N ALA A 151 4.29 -11.15 -6.00
CA ALA A 151 3.09 -10.32 -6.05
C ALA A 151 2.37 -10.55 -7.36
N VAL A 152 1.05 -10.59 -7.31
CA VAL A 152 0.29 -10.77 -8.52
C VAL A 152 0.41 -9.54 -9.41
N LYS A 153 0.70 -8.39 -8.86
CA LYS A 153 0.80 -7.19 -9.68
C LYS A 153 1.58 -6.11 -8.98
N TYR A 154 2.23 -5.24 -9.75
CA TYR A 154 2.95 -4.10 -9.18
C TYR A 154 2.40 -2.81 -9.76
N LEU A 155 2.03 -1.88 -8.87
CA LEU A 155 1.36 -0.65 -9.29
C LEU A 155 1.91 0.52 -8.49
N GLU A 156 1.91 1.69 -9.13
CA GLU A 156 2.37 2.93 -8.54
C GLU A 156 1.25 3.95 -8.57
N CYS A 157 1.14 4.77 -7.52
CA CYS A 157 0.03 5.71 -7.49
C CYS A 157 0.38 6.91 -6.62
N SER A 158 -0.42 7.96 -6.76
CA SER A 158 -0.38 9.13 -5.88
C SER A 158 -1.76 9.37 -5.29
N ALA A 159 -1.88 9.23 -3.98
CA ALA A 159 -3.10 9.66 -3.30
C ALA A 159 -3.35 11.14 -3.50
N LEU A 160 -2.28 11.95 -3.60
CA LEU A 160 -2.40 13.40 -3.69
C LEU A 160 -3.02 13.84 -5.01
N THR A 161 -2.64 13.20 -6.11
CA THR A 161 -3.13 13.54 -7.44
C THR A 161 -4.09 12.51 -8.00
N GLN A 162 -4.33 11.42 -7.27
CA GLN A 162 -5.17 10.30 -7.68
C GLN A 162 -4.73 9.73 -9.03
N ARG A 163 -3.48 9.95 -9.42
CA ARG A 163 -2.88 9.21 -10.52
C ARG A 163 -2.63 7.76 -10.13
N GLY A 164 -3.14 6.83 -10.94
CA GLY A 164 -2.95 5.42 -10.67
C GLY A 164 -3.84 4.84 -9.60
N LEU A 165 -4.58 5.67 -8.87
CA LEU A 165 -5.29 5.20 -7.69
C LEU A 165 -6.39 4.20 -8.04
N LYS A 166 -7.23 4.52 -9.03
CA LYS A 166 -8.31 3.61 -9.40
C LYS A 166 -7.78 2.23 -9.76
N THR A 167 -6.69 2.18 -10.52
CA THR A 167 -6.20 0.89 -11.01
C THR A 167 -5.79 -0.02 -9.86
N VAL A 168 -5.24 0.55 -8.79
CA VAL A 168 -4.84 -0.25 -7.63
C VAL A 168 -6.01 -1.12 -7.16
N PHE A 169 -7.16 -0.51 -6.94
CA PHE A 169 -8.26 -1.26 -6.36
C PHE A 169 -9.06 -2.05 -7.39
N ASP A 170 -9.06 -1.64 -8.65
CA ASP A 170 -9.59 -2.49 -9.72
C ASP A 170 -8.78 -3.76 -9.82
N GLU A 171 -7.45 -3.65 -9.72
CA GLU A 171 -6.58 -4.82 -9.75
C GLU A 171 -6.72 -5.63 -8.48
N ALA A 172 -6.93 -4.99 -7.33
CA ALA A 172 -7.20 -5.75 -6.12
C ALA A 172 -8.43 -6.64 -6.30
N ILE A 173 -9.50 -6.09 -6.89
CA ILE A 173 -10.70 -6.90 -7.11
C ILE A 173 -10.42 -8.01 -8.10
N ARG A 174 -9.64 -7.73 -9.15
CA ARG A 174 -9.38 -8.73 -10.20
C ARG A 174 -8.50 -9.87 -9.67
N ALA A 175 -7.66 -9.61 -8.68
CA ALA A 175 -6.93 -10.69 -8.03
C ALA A 175 -7.87 -11.65 -7.31
N VAL A 176 -9.08 -11.21 -7.01
CA VAL A 176 -10.13 -12.06 -6.45
C VAL A 176 -11.15 -12.26 -7.56
N LEU A 177 -11.99 -13.26 -7.42
CA LEU A 177 -13.10 -13.45 -8.37
C LEU A 177 -12.71 -14.32 -9.57
MG MG B . -2.53 5.57 8.72
PB GDP C . 0.15 5.93 6.83
O1B GDP C . -1.35 5.75 6.94
O2B GDP C . 0.80 4.95 5.90
O3B GDP C . 0.85 6.08 8.15
O3A GDP C . 0.44 7.32 6.04
PA GDP C . -0.56 8.56 5.92
O1A GDP C . -1.64 8.23 4.90
O2A GDP C . -0.92 9.06 7.28
O5' GDP C . 0.45 9.57 5.20
C5' GDP C . 1.62 9.94 5.92
C4' GDP C . 2.21 11.23 5.39
O4' GDP C . 2.49 11.17 3.97
C3' GDP C . 1.34 12.48 5.51
O3' GDP C . 2.21 13.60 5.73
C2' GDP C . 0.61 12.63 4.18
O2' GDP C . 0.31 14.00 3.89
C1' GDP C . 1.66 12.09 3.21
N9 GDP C . 1.20 11.49 1.93
C8 GDP C . 0.38 10.44 1.78
N7 GDP C . 0.20 10.18 0.46
C5 GDP C . 0.91 11.09 -0.25
C6 GDP C . 1.16 11.39 -1.68
O6 GDP C . 0.61 10.68 -2.56
N1 GDP C . 1.98 12.42 -1.99
C2 GDP C . 2.56 13.18 -1.04
N2 GDP C . 3.37 14.20 -1.37
N3 GDP C . 2.38 12.96 0.28
C4 GDP C . 1.56 11.96 0.73
H5' GDP C . 1.36 10.05 6.98
H5'' GDP C . 2.35 9.13 5.85
H4' GDP C . 3.11 11.32 6.01
H3' GDP C . 0.62 12.42 6.34
HO3' GDP C . 1.68 14.40 5.87
H2' GDP C . -0.36 12.14 4.16
HO2' GDP C . -0.31 14.33 4.55
H1' GDP C . 2.20 12.96 2.83
H8 GDP C . -0.07 9.87 2.59
HN1 GDP C . 2.17 12.63 -2.99
HN21 GDP C . 3.80 14.76 -0.65
HN22 GDP C . 3.54 14.41 -2.34
#